data_1Y6R
#
_entry.id   1Y6R
#
_cell.length_a   51.570
_cell.length_b   69.600
_cell.length_c   127.570
_cell.angle_alpha   90.00
_cell.angle_beta   90.00
_cell.angle_gamma   90.00
#
_symmetry.space_group_name_H-M   'P 21 21 21'
#
loop_
_entity.id
_entity.type
_entity.pdbx_description
1 polymer 'MTA/SAH nucleosidase'
2 non-polymer (3S,4R)-2-(4-AMINO-5H-PYRROLO[3,2-D]PYRIMIDIN-7-YL)-5-[(METHYLSULFANYL)METHYL]PYRROLIDINE-3,4-DIOL
3 water water
#
_entity_poly.entity_id   1
_entity_poly.type   'polypeptide(L)'
_entity_poly.pdbx_seq_one_letter_code
;FQGAMDPEFSMKIGIIGAMEEEVTLLRDKIENRQTISLGGCEIYTGQLNGTEVALLKSGIGKVAAALGATLLLEHCKPDV
IINTGSAGGLAPTLKVGDIVVSDEARYHDADVTAFGYEYGQLPGCPAGFKADDKLIAAAEACIAELNLNAVRGLIVSGDA
FINGSVGLAKIRHNFPQAIAVEMEATAIAHVCHNFNVPFVVVRAISDVADQQSHLSFDEFLAVAAKQSSLMVESLVQKLA
HG
;
_entity_poly.pdbx_strand_id   A,B
#
loop_
_chem_comp.id
_chem_comp.type
_chem_comp.name
_chem_comp.formula
MTM non-polymer (3S,4R)-2-(4-AMINO-5H-PYRROLO[3,2-D]PYRIMIDIN-7-YL)-5-[(METHYLSULFANYL)METHYL]PYRROLIDINE-3,4-DIOL 'C12 H19 N5 O2 S'
#
# COMPACT_ATOMS: atom_id res chain seq x y z
N PHE A 9 6.67 29.65 12.75
CA PHE A 9 8.04 29.65 12.12
C PHE A 9 8.83 28.36 12.32
N SER A 10 8.32 27.44 13.11
CA SER A 10 9.04 26.19 13.32
C SER A 10 8.22 24.97 12.91
N MET A 11 7.31 25.17 11.98
CA MET A 11 6.46 24.11 11.49
C MET A 11 6.94 23.60 10.12
N LYS A 12 6.92 22.28 9.92
CA LYS A 12 7.33 21.71 8.65
C LYS A 12 6.11 20.98 8.07
N ILE A 13 5.60 21.49 6.95
CA ILE A 13 4.42 20.92 6.32
C ILE A 13 4.77 19.91 5.23
N GLY A 14 4.30 18.68 5.39
CA GLY A 14 4.54 17.63 4.41
C GLY A 14 3.45 17.68 3.35
N ILE A 15 3.83 17.58 2.08
CA ILE A 15 2.91 17.62 0.96
C ILE A 15 3.21 16.46 0.01
N ILE A 16 2.17 15.70 -0.31
CA ILE A 16 2.34 14.53 -1.16
C ILE A 16 1.50 14.54 -2.41
N GLY A 17 2.17 14.41 -3.54
CA GLY A 17 1.48 14.34 -4.82
C GLY A 17 1.92 13.05 -5.49
N ALA A 18 1.01 12.37 -6.18
CA ALA A 18 1.34 11.11 -6.87
C ALA A 18 2.12 11.30 -8.20
N MET A 19 1.60 12.13 -9.11
CA MET A 19 2.24 12.35 -10.41
C MET A 19 3.11 13.61 -10.50
N GLU A 20 4.01 13.65 -11.49
CA GLU A 20 4.90 14.80 -11.66
C GLU A 20 4.10 16.06 -11.99
N GLU A 21 3.08 15.93 -12.83
CA GLU A 21 2.24 17.06 -13.21
C GLU A 21 1.60 17.67 -11.96
N GLU A 22 1.25 16.80 -11.01
CA GLU A 22 0.59 17.25 -9.79
C GLU A 22 1.48 17.94 -8.76
N VAL A 23 2.79 17.77 -8.86
CA VAL A 23 3.72 18.38 -7.92
C VAL A 23 4.61 19.45 -8.53
N THR A 24 4.70 19.46 -9.85
CA THR A 24 5.55 20.41 -10.55
C THR A 24 5.31 21.92 -10.27
N LEU A 25 4.05 22.36 -10.20
CA LEU A 25 3.80 23.80 -9.92
C LEU A 25 4.33 24.17 -8.51
N LEU A 26 4.00 23.37 -7.50
CA LEU A 26 4.48 23.62 -6.15
C LEU A 26 5.99 23.55 -6.06
N ARG A 27 6.58 22.58 -6.75
CA ARG A 27 8.03 22.40 -6.75
C ARG A 27 8.73 23.66 -7.26
N ASP A 28 8.24 24.20 -8.38
CA ASP A 28 8.83 25.42 -8.96
C ASP A 28 8.76 26.63 -8.05
N LYS A 29 7.87 26.60 -7.07
CA LYS A 29 7.73 27.72 -6.15
C LYS A 29 8.52 27.59 -4.87
N ILE A 30 9.22 26.47 -4.70
CA ILE A 30 10.01 26.25 -3.49
C ILE A 30 11.34 27.01 -3.47
N GLU A 31 11.51 27.83 -2.43
CA GLU A 31 12.73 28.63 -2.23
C GLU A 31 13.77 27.71 -1.59
N ASN A 32 15.05 27.95 -1.89
CA ASN A 32 16.15 27.16 -1.34
C ASN A 32 15.91 25.66 -1.50
N ARG A 33 15.30 25.30 -2.62
CA ARG A 33 14.98 23.92 -2.90
C ARG A 33 16.17 23.01 -3.09
N GLN A 34 16.01 21.77 -2.62
CA GLN A 34 17.01 20.72 -2.74
C GLN A 34 16.21 19.43 -2.98
N THR A 35 16.81 18.49 -3.68
CA THR A 35 16.11 17.26 -3.98
C THR A 35 16.75 16.00 -3.40
N ILE A 36 15.90 15.13 -2.86
CA ILE A 36 16.35 13.86 -2.31
C ILE A 36 15.70 12.74 -3.10
N SER A 37 16.52 11.87 -3.68
CA SER A 37 16.01 10.73 -4.44
C SER A 37 16.21 9.51 -3.55
N LEU A 38 15.11 8.88 -3.14
CA LEU A 38 15.21 7.74 -2.25
C LEU A 38 14.04 6.76 -2.36
N GLY A 39 14.37 5.47 -2.40
CA GLY A 39 13.34 4.44 -2.51
C GLY A 39 12.44 4.64 -3.72
N GLY A 40 12.99 5.19 -4.78
CA GLY A 40 12.19 5.41 -5.98
C GLY A 40 11.28 6.62 -5.93
N CYS A 41 11.40 7.42 -4.87
CA CYS A 41 10.60 8.63 -4.70
C CYS A 41 11.50 9.84 -4.77
N GLU A 42 10.89 11.01 -4.92
CA GLU A 42 11.64 12.24 -4.93
C GLU A 42 11.03 13.15 -3.87
N ILE A 43 11.90 13.73 -3.07
CA ILE A 43 11.49 14.64 -2.01
C ILE A 43 12.20 15.99 -2.22
N TYR A 44 11.41 17.05 -2.29
CA TYR A 44 11.93 18.39 -2.46
C TYR A 44 11.72 19.12 -1.12
N THR A 45 12.79 19.71 -0.61
CA THR A 45 12.74 20.45 0.66
C THR A 45 13.05 21.92 0.37
N GLY A 46 12.65 22.78 1.29
CA GLY A 46 12.87 24.21 1.15
C GLY A 46 11.68 24.91 1.77
N GLN A 47 11.40 26.15 1.35
CA GLN A 47 10.26 26.89 1.89
C GLN A 47 9.27 27.34 0.83
N LEU A 48 8.02 27.44 1.23
CA LEU A 48 6.98 27.87 0.34
C LEU A 48 6.46 29.18 0.92
N ASN A 49 6.82 30.29 0.29
CA ASN A 49 6.41 31.60 0.79
C ASN A 49 6.89 31.72 2.23
N GLY A 50 8.12 31.27 2.46
CA GLY A 50 8.71 31.34 3.80
C GLY A 50 8.48 30.16 4.74
N THR A 51 7.46 29.34 4.47
CA THR A 51 7.18 28.21 5.34
C THR A 51 7.94 26.95 4.90
N GLU A 52 8.58 26.26 5.84
CA GLU A 52 9.33 25.05 5.56
C GLU A 52 8.40 23.92 5.09
N VAL A 53 8.69 23.36 3.93
CA VAL A 53 7.89 22.28 3.40
C VAL A 53 8.73 21.10 2.92
N ALA A 54 8.08 19.96 2.78
CA ALA A 54 8.71 18.75 2.26
C ALA A 54 7.65 18.17 1.33
N LEU A 55 7.91 18.29 0.04
CA LEU A 55 7.04 17.84 -1.06
C LEU A 55 7.55 16.53 -1.66
N LEU A 56 6.72 15.48 -1.59
CA LEU A 56 7.12 14.18 -2.14
C LEU A 56 6.28 13.82 -3.36
N LYS A 57 6.94 13.26 -4.36
CA LYS A 57 6.25 12.78 -5.56
C LYS A 57 6.25 11.27 -5.30
N SER A 58 5.08 10.70 -5.00
CA SER A 58 5.02 9.29 -4.62
C SER A 58 4.87 8.25 -5.69
N GLY A 59 4.27 8.59 -6.82
CA GLY A 59 4.02 7.57 -7.82
C GLY A 59 2.57 7.19 -7.59
N ILE A 60 1.97 6.44 -8.51
CA ILE A 60 0.56 6.08 -8.43
C ILE A 60 0.18 4.79 -7.69
N GLY A 61 -0.93 4.83 -6.93
CA GLY A 61 -1.37 3.62 -6.23
C GLY A 61 -1.12 3.60 -4.73
N LYS A 62 -1.77 2.66 -4.05
CA LYS A 62 -1.67 2.57 -2.59
C LYS A 62 -0.29 2.24 -2.05
N VAL A 63 0.39 1.28 -2.68
CA VAL A 63 1.69 0.90 -2.21
C VAL A 63 2.72 2.01 -2.44
N ALA A 64 2.69 2.63 -3.61
CA ALA A 64 3.62 3.69 -3.91
C ALA A 64 3.41 4.83 -2.90
N ALA A 65 2.15 5.18 -2.68
CA ALA A 65 1.81 6.23 -1.74
C ALA A 65 2.24 5.87 -0.30
N ALA A 66 2.02 4.63 0.10
CA ALA A 66 2.41 4.22 1.46
C ALA A 66 3.92 4.30 1.63
N LEU A 67 4.65 3.69 0.70
CA LEU A 67 6.12 3.70 0.74
C LEU A 67 6.61 5.16 0.85
N GLY A 68 6.09 6.04 0.01
CA GLY A 68 6.48 7.45 0.06
C GLY A 68 6.12 8.16 1.34
N ALA A 69 4.88 8.00 1.79
CA ALA A 69 4.46 8.63 3.05
C ALA A 69 5.33 8.13 4.21
N THR A 70 5.67 6.84 4.18
CA THR A 70 6.49 6.26 5.25
C THR A 70 7.86 6.92 5.22
N LEU A 71 8.47 7.01 4.04
CA LEU A 71 9.78 7.65 3.89
C LEU A 71 9.72 9.10 4.35
N LEU A 72 8.67 9.80 3.92
CA LEU A 72 8.49 11.21 4.27
C LEU A 72 8.38 11.40 5.80
N LEU A 73 7.52 10.62 6.43
CA LEU A 73 7.36 10.76 7.88
C LEU A 73 8.64 10.42 8.63
N GLU A 74 9.18 9.24 8.37
CA GLU A 74 10.40 8.76 9.02
C GLU A 74 11.61 9.64 8.74
N HIS A 75 11.77 10.05 7.48
CA HIS A 75 12.90 10.85 7.06
C HIS A 75 12.84 12.36 7.32
N CYS A 76 11.71 13.01 7.05
CA CYS A 76 11.60 14.46 7.25
C CYS A 76 10.70 14.89 8.42
N LYS A 77 10.03 13.92 9.03
CA LYS A 77 9.14 14.18 10.16
C LYS A 77 8.32 15.46 10.11
N PRO A 78 7.53 15.66 9.04
CA PRO A 78 6.70 16.87 8.94
C PRO A 78 5.60 16.86 10.00
N ASP A 79 5.17 18.05 10.43
CA ASP A 79 4.13 18.17 11.46
C ASP A 79 2.73 17.75 11.01
N VAL A 80 2.45 17.91 9.73
CA VAL A 80 1.16 17.53 9.17
C VAL A 80 1.37 17.09 7.73
N ILE A 81 0.37 16.44 7.15
CA ILE A 81 0.46 16.02 5.77
C ILE A 81 -0.72 16.51 4.94
N ILE A 82 -0.41 17.03 3.76
CA ILE A 82 -1.44 17.47 2.85
C ILE A 82 -1.31 16.66 1.58
N ASN A 83 -2.35 15.94 1.21
CA ASN A 83 -2.31 15.14 -0.01
C ASN A 83 -3.01 15.97 -1.10
N THR A 84 -2.28 16.30 -2.16
CA THR A 84 -2.80 17.13 -3.26
C THR A 84 -2.90 16.30 -4.55
N GLY A 85 -3.53 16.88 -5.56
CA GLY A 85 -3.66 16.15 -6.83
C GLY A 85 -5.06 16.11 -7.41
N SER A 86 -5.31 15.16 -8.31
CA SER A 86 -6.60 15.02 -8.97
C SER A 86 -7.47 13.94 -8.37
N ALA A 87 -8.73 13.88 -8.80
CA ALA A 87 -9.66 12.86 -8.32
C ALA A 87 -10.89 12.80 -9.19
N GLY A 88 -11.60 11.67 -9.11
CA GLY A 88 -12.82 11.53 -9.86
C GLY A 88 -13.96 12.01 -8.96
N GLY A 89 -14.71 13.01 -9.44
CA GLY A 89 -15.80 13.55 -8.65
C GLY A 89 -16.98 12.62 -8.63
N LEU A 90 -17.62 12.47 -7.47
CA LEU A 90 -18.78 11.61 -7.36
C LEU A 90 -20.00 12.40 -6.85
N ALA A 91 -19.78 13.41 -6.01
CA ALA A 91 -20.87 14.21 -5.49
C ALA A 91 -21.46 14.98 -6.68
N PRO A 92 -22.79 15.15 -6.73
CA PRO A 92 -23.54 15.83 -7.79
C PRO A 92 -23.20 17.27 -8.19
N THR A 93 -22.82 18.11 -7.23
CA THR A 93 -22.53 19.48 -7.60
C THR A 93 -21.07 19.73 -7.98
N LEU A 94 -20.30 18.68 -8.21
CA LEU A 94 -18.90 18.86 -8.57
C LEU A 94 -18.70 18.98 -10.08
N LYS A 95 -17.85 19.90 -10.49
CA LYS A 95 -17.56 20.07 -11.91
C LYS A 95 -16.04 19.99 -11.98
N VAL A 96 -15.51 19.75 -13.17
CA VAL A 96 -14.06 19.67 -13.33
C VAL A 96 -13.43 20.96 -12.82
N GLY A 97 -12.39 20.82 -12.01
CA GLY A 97 -11.72 21.98 -11.47
C GLY A 97 -12.07 22.24 -10.01
N ASP A 98 -13.25 21.80 -9.56
CA ASP A 98 -13.66 22.03 -8.18
C ASP A 98 -12.83 21.24 -7.18
N ILE A 99 -12.84 21.73 -5.95
CA ILE A 99 -12.07 21.17 -4.85
C ILE A 99 -12.81 20.18 -3.98
N VAL A 100 -12.12 19.11 -3.58
CA VAL A 100 -12.70 18.14 -2.67
C VAL A 100 -11.77 18.09 -1.45
N VAL A 101 -12.38 18.16 -0.27
CA VAL A 101 -11.63 18.15 0.96
C VAL A 101 -12.15 16.98 1.75
N SER A 102 -11.23 16.15 2.21
CA SER A 102 -11.62 14.99 2.96
C SER A 102 -11.93 15.27 4.40
N ASP A 103 -12.98 14.64 4.91
CA ASP A 103 -13.21 14.74 6.34
C ASP A 103 -12.94 13.30 6.80
N GLU A 104 -12.69 12.41 5.83
CA GLU A 104 -12.44 10.98 6.09
C GLU A 104 -12.00 10.26 4.80
N ALA A 105 -11.26 9.16 4.95
CA ALA A 105 -10.77 8.37 3.82
C ALA A 105 -10.96 6.88 4.11
N ARG A 106 -11.43 6.14 3.10
CA ARG A 106 -11.69 4.69 3.19
C ARG A 106 -11.30 3.97 1.90
N TYR A 107 -10.85 2.71 2.00
CA TYR A 107 -10.48 1.92 0.83
C TYR A 107 -11.79 1.41 0.25
N HIS A 108 -12.04 1.59 -1.04
CA HIS A 108 -13.29 1.08 -1.59
C HIS A 108 -13.08 -0.34 -2.09
N ASP A 109 -11.82 -0.77 -2.17
CA ASP A 109 -11.50 -2.11 -2.65
C ASP A 109 -10.95 -3.09 -1.59
N ALA A 110 -11.08 -2.76 -0.32
CA ALA A 110 -10.61 -3.67 0.74
C ALA A 110 -11.83 -4.49 1.19
N ASP A 111 -11.70 -5.80 1.24
CA ASP A 111 -12.86 -6.61 1.62
C ASP A 111 -12.47 -7.86 2.40
N VAL A 112 -12.65 -7.77 3.71
CA VAL A 112 -12.39 -8.87 4.62
C VAL A 112 -13.70 -9.13 5.35
N THR A 113 -14.82 -8.86 4.67
CA THR A 113 -16.15 -9.07 5.26
C THR A 113 -16.41 -10.52 5.66
N ALA A 114 -15.71 -11.44 5.00
CA ALA A 114 -15.89 -12.85 5.30
C ALA A 114 -15.55 -13.10 6.78
N PHE A 115 -14.73 -12.24 7.37
CA PHE A 115 -14.37 -12.42 8.78
C PHE A 115 -15.05 -11.42 9.72
N GLY A 116 -16.08 -10.73 9.20
CA GLY A 116 -16.79 -9.81 10.04
C GLY A 116 -16.31 -8.37 10.12
N TYR A 117 -15.32 -8.01 9.31
CA TYR A 117 -14.88 -6.62 9.33
C TYR A 117 -15.83 -5.84 8.44
N GLU A 118 -15.85 -4.52 8.62
CA GLU A 118 -16.73 -3.65 7.85
C GLU A 118 -16.20 -3.58 6.42
N TYR A 119 -17.08 -3.42 5.45
CA TYR A 119 -16.61 -3.34 4.08
C TYR A 119 -15.63 -2.17 3.99
N GLY A 120 -14.50 -2.39 3.35
CA GLY A 120 -13.49 -1.33 3.19
C GLY A 120 -12.44 -1.32 4.28
N GLN A 121 -12.75 -1.97 5.40
CA GLN A 121 -11.83 -2.02 6.53
C GLN A 121 -10.79 -3.16 6.44
N LEU A 122 -9.56 -2.89 6.86
CA LEU A 122 -8.54 -3.96 6.91
C LEU A 122 -8.35 -4.30 8.38
N PRO A 123 -8.10 -5.57 8.70
CA PRO A 123 -7.93 -5.94 10.11
C PRO A 123 -6.78 -5.15 10.75
N GLY A 124 -7.02 -4.58 11.93
CA GLY A 124 -5.99 -3.81 12.61
C GLY A 124 -6.10 -2.31 12.34
N CYS A 125 -7.06 -1.93 11.50
CA CYS A 125 -7.24 -0.53 11.17
C CYS A 125 -8.68 -0.12 11.47
N PRO A 126 -8.93 1.18 11.66
CA PRO A 126 -10.30 1.62 11.91
C PRO A 126 -10.96 1.49 10.53
N ALA A 127 -12.29 1.38 10.48
CA ALA A 127 -12.95 1.22 9.19
C ALA A 127 -12.63 2.37 8.25
N GLY A 128 -12.41 3.56 8.83
CA GLY A 128 -12.06 4.72 8.04
C GLY A 128 -11.05 5.57 8.82
N PHE A 129 -10.31 6.42 8.11
CA PHE A 129 -9.31 7.29 8.73
C PHE A 129 -9.77 8.73 8.67
N LYS A 130 -9.93 9.33 9.84
CA LYS A 130 -10.41 10.70 9.93
C LYS A 130 -9.33 11.76 9.67
N ALA A 131 -9.67 12.74 8.85
CA ALA A 131 -8.75 13.83 8.55
C ALA A 131 -8.80 14.75 9.77
N ASP A 132 -7.80 15.61 9.89
CA ASP A 132 -7.68 16.54 11.01
C ASP A 132 -8.66 17.71 10.96
N ASP A 133 -9.42 17.92 12.04
CA ASP A 133 -10.39 19.03 12.10
C ASP A 133 -9.81 20.43 11.82
N LYS A 134 -8.62 20.71 12.34
CA LYS A 134 -8.01 22.02 12.12
C LYS A 134 -7.60 22.19 10.66
N LEU A 135 -6.94 21.18 10.11
CA LEU A 135 -6.53 21.24 8.72
C LEU A 135 -7.80 21.38 7.85
N ILE A 136 -8.85 20.66 8.20
CA ILE A 136 -10.10 20.73 7.43
C ILE A 136 -10.64 22.14 7.50
N ALA A 137 -10.72 22.69 8.72
CA ALA A 137 -11.26 24.04 8.92
C ALA A 137 -10.45 25.07 8.16
N ALA A 138 -9.13 24.95 8.23
CA ALA A 138 -8.27 25.88 7.52
C ALA A 138 -8.56 25.78 6.02
N ALA A 139 -8.67 24.56 5.49
CA ALA A 139 -8.95 24.37 4.08
C ALA A 139 -10.26 25.07 3.67
N GLU A 140 -11.32 24.91 4.45
CA GLU A 140 -12.61 25.53 4.13
C GLU A 140 -12.46 27.04 4.15
N ALA A 141 -11.65 27.54 5.08
CA ALA A 141 -11.39 28.97 5.16
C ALA A 141 -10.74 29.41 3.85
N CYS A 142 -9.72 28.70 3.38
CA CYS A 142 -9.06 29.06 2.12
C CYS A 142 -10.07 29.00 0.96
N ILE A 143 -10.91 27.98 0.96
CA ILE A 143 -11.91 27.83 -0.09
C ILE A 143 -12.81 29.07 -0.16
N ALA A 144 -13.21 29.55 1.02
CA ALA A 144 -14.08 30.73 1.08
C ALA A 144 -13.36 31.98 0.56
N GLU A 145 -12.11 32.16 0.96
CA GLU A 145 -11.31 33.32 0.55
C GLU A 145 -10.97 33.37 -0.92
N LEU A 146 -10.92 32.19 -1.56
CA LEU A 146 -10.60 32.09 -2.98
C LEU A 146 -11.89 32.01 -3.80
N ASN A 147 -13.02 31.91 -3.10
CA ASN A 147 -14.34 31.83 -3.72
C ASN A 147 -14.45 30.67 -4.72
N LEU A 148 -14.04 29.49 -4.28
CA LEU A 148 -14.07 28.29 -5.10
C LEU A 148 -15.25 27.40 -4.73
N ASN A 149 -15.67 26.55 -5.65
CA ASN A 149 -16.76 25.62 -5.35
C ASN A 149 -16.09 24.36 -4.80
N ALA A 150 -16.55 23.89 -3.64
CA ALA A 150 -15.95 22.72 -3.03
C ALA A 150 -16.91 21.87 -2.22
N VAL A 151 -16.52 20.62 -1.96
CA VAL A 151 -17.33 19.71 -1.16
C VAL A 151 -16.42 18.99 -0.16
N ARG A 152 -16.92 18.83 1.06
CA ARG A 152 -16.22 18.19 2.14
C ARG A 152 -16.90 16.84 2.40
N GLY A 153 -16.11 15.80 2.65
CA GLY A 153 -16.72 14.51 2.90
C GLY A 153 -15.76 13.36 2.69
N LEU A 154 -16.33 12.16 2.61
CA LEU A 154 -15.56 10.94 2.45
C LEU A 154 -14.92 10.79 1.08
N ILE A 155 -13.63 10.50 1.06
CA ILE A 155 -12.92 10.25 -0.19
C ILE A 155 -12.50 8.77 -0.14
N VAL A 156 -12.73 8.02 -1.22
CA VAL A 156 -12.36 6.62 -1.25
C VAL A 156 -11.24 6.32 -2.24
N SER A 157 -10.33 5.42 -1.87
CA SER A 157 -9.21 5.08 -2.73
C SER A 157 -9.17 3.59 -3.02
N GLY A 158 -8.58 3.27 -4.17
CA GLY A 158 -8.43 1.88 -4.60
C GLY A 158 -7.30 1.87 -5.60
N ASP A 159 -6.87 0.69 -6.04
CA ASP A 159 -5.80 0.57 -7.02
C ASP A 159 -6.36 0.41 -8.44
N ALA A 160 -7.51 1.03 -8.68
CA ALA A 160 -8.10 0.95 -10.01
C ALA A 160 -8.57 2.32 -10.46
N PHE A 161 -8.33 2.62 -11.74
CA PHE A 161 -8.80 3.88 -12.31
C PHE A 161 -10.27 3.66 -12.71
N ILE A 162 -11.18 4.28 -11.95
CA ILE A 162 -12.63 4.14 -12.17
C ILE A 162 -13.07 4.76 -13.50
N ASN A 163 -13.62 3.93 -14.38
CA ASN A 163 -13.98 4.37 -15.73
C ASN A 163 -15.43 4.00 -16.09
N GLY A 164 -16.35 4.27 -15.17
CA GLY A 164 -17.76 3.95 -15.37
C GLY A 164 -18.09 2.47 -15.18
N SER A 165 -19.21 2.03 -15.72
CA SER A 165 -19.59 0.62 -15.62
C SER A 165 -19.68 0.10 -14.18
N VAL A 166 -19.42 -1.19 -13.98
CA VAL A 166 -19.51 -1.80 -12.67
C VAL A 166 -18.50 -1.26 -11.66
N GLY A 167 -17.33 -0.83 -12.12
CA GLY A 167 -16.34 -0.28 -11.22
C GLY A 167 -16.94 0.91 -10.46
N LEU A 168 -17.59 1.79 -11.20
CA LEU A 168 -18.20 2.97 -10.63
C LEU A 168 -19.45 2.62 -9.82
N ALA A 169 -20.30 1.75 -10.36
CA ALA A 169 -21.54 1.37 -9.70
C ALA A 169 -21.34 0.71 -8.33
N LYS A 170 -20.32 -0.15 -8.22
CA LYS A 170 -20.06 -0.82 -6.96
C LYS A 170 -19.66 0.19 -5.90
N ILE A 171 -18.91 1.21 -6.33
CA ILE A 171 -18.47 2.25 -5.42
C ILE A 171 -19.67 3.10 -4.96
N ARG A 172 -20.56 3.46 -5.88
CA ARG A 172 -21.71 4.25 -5.48
C ARG A 172 -22.62 3.47 -4.52
N HIS A 173 -22.70 2.16 -4.72
CA HIS A 173 -23.53 1.33 -3.87
C HIS A 173 -22.88 1.11 -2.49
N ASN A 174 -21.58 0.80 -2.45
CA ASN A 174 -20.92 0.59 -1.16
C ASN A 174 -20.63 1.85 -0.38
N PHE A 175 -20.49 2.98 -1.08
CA PHE A 175 -20.20 4.25 -0.42
C PHE A 175 -21.06 5.38 -1.05
N PRO A 176 -22.38 5.35 -0.79
CA PRO A 176 -23.32 6.35 -1.32
C PRO A 176 -22.91 7.78 -0.98
N GLN A 177 -22.23 7.95 0.16
CA GLN A 177 -21.81 9.27 0.61
C GLN A 177 -20.46 9.76 0.05
N ALA A 178 -19.67 8.86 -0.55
CA ALA A 178 -18.36 9.26 -1.08
C ALA A 178 -18.51 10.39 -2.07
N ILE A 179 -17.64 11.39 -1.95
CA ILE A 179 -17.69 12.55 -2.85
C ILE A 179 -16.65 12.48 -3.98
N ALA A 180 -15.65 11.63 -3.82
CA ALA A 180 -14.60 11.49 -4.83
C ALA A 180 -13.85 10.17 -4.71
N VAL A 181 -13.20 9.76 -5.80
CA VAL A 181 -12.44 8.52 -5.77
C VAL A 181 -11.11 8.74 -6.45
N GLU A 182 -10.04 8.22 -5.85
CA GLU A 182 -8.71 8.34 -6.43
C GLU A 182 -7.88 7.15 -5.96
N MET A 183 -6.55 7.23 -6.03
CA MET A 183 -5.75 6.05 -5.70
C MET A 183 -4.62 6.11 -4.64
N GLU A 184 -4.52 7.21 -3.88
CA GLU A 184 -3.46 7.30 -2.87
C GLU A 184 -3.91 7.76 -1.48
N ALA A 185 -4.93 8.62 -1.45
CA ALA A 185 -5.46 9.19 -0.21
C ALA A 185 -5.54 8.31 1.04
N THR A 186 -6.30 7.22 0.96
CA THR A 186 -6.45 6.35 2.13
C THR A 186 -5.16 5.67 2.55
N ALA A 187 -4.28 5.41 1.58
CA ALA A 187 -2.99 4.78 1.86
C ALA A 187 -2.18 5.77 2.68
N ILE A 188 -2.24 7.05 2.31
CA ILE A 188 -1.52 8.11 3.02
C ILE A 188 -2.14 8.30 4.42
N ALA A 189 -3.47 8.34 4.48
CA ALA A 189 -4.19 8.50 5.75
C ALA A 189 -3.83 7.34 6.67
N HIS A 190 -3.79 6.14 6.11
CA HIS A 190 -3.46 4.94 6.86
C HIS A 190 -2.07 5.07 7.48
N VAL A 191 -1.09 5.48 6.68
CA VAL A 191 0.28 5.64 7.20
C VAL A 191 0.35 6.73 8.27
N CYS A 192 -0.34 7.85 8.03
CA CYS A 192 -0.36 8.96 8.98
C CYS A 192 -1.01 8.53 10.28
N HIS A 193 -2.03 7.69 10.16
CA HIS A 193 -2.73 7.18 11.34
C HIS A 193 -1.77 6.38 12.21
N ASN A 194 -1.03 5.46 11.60
CA ASN A 194 -0.07 4.62 12.32
C ASN A 194 1.05 5.44 12.95
N PHE A 195 1.34 6.59 12.39
CA PHE A 195 2.38 7.44 12.99
C PHE A 195 1.75 8.54 13.80
N ASN A 196 0.42 8.56 13.81
CA ASN A 196 -0.35 9.58 14.54
C ASN A 196 0.00 10.97 14.03
N VAL A 197 -0.02 11.15 12.71
CA VAL A 197 0.29 12.43 12.12
C VAL A 197 -0.94 13.04 11.46
N PRO A 198 -1.27 14.31 11.79
CA PRO A 198 -2.45 14.93 11.18
C PRO A 198 -2.37 14.97 9.64
N PHE A 199 -3.48 14.71 8.97
CA PHE A 199 -3.48 14.79 7.51
C PHE A 199 -4.79 15.37 7.01
N VAL A 200 -4.79 15.77 5.75
CA VAL A 200 -5.98 16.25 5.08
C VAL A 200 -5.73 16.09 3.57
N VAL A 201 -6.80 15.71 2.86
CA VAL A 201 -6.67 15.56 1.42
C VAL A 201 -7.33 16.78 0.82
N VAL A 202 -6.66 17.42 -0.13
CA VAL A 202 -7.22 18.57 -0.79
C VAL A 202 -6.91 18.39 -2.27
N ARG A 203 -7.83 17.76 -2.98
CA ARG A 203 -7.63 17.49 -4.40
C ARG A 203 -8.61 18.28 -5.25
N ALA A 204 -8.42 18.21 -6.57
CA ALA A 204 -9.31 18.92 -7.48
C ALA A 204 -9.84 17.95 -8.55
N ILE A 205 -11.10 18.13 -8.94
CA ILE A 205 -11.74 17.24 -9.90
C ILE A 205 -11.24 17.31 -11.34
N SER A 206 -10.84 16.15 -11.87
CA SER A 206 -10.34 16.03 -13.24
C SER A 206 -11.29 15.21 -14.15
N ASP A 207 -12.29 14.57 -13.57
CA ASP A 207 -13.21 13.71 -14.32
C ASP A 207 -14.29 13.26 -13.36
N VAL A 208 -15.34 12.61 -13.86
CA VAL A 208 -16.40 12.18 -12.95
C VAL A 208 -16.50 10.67 -12.88
N ALA A 209 -15.37 10.01 -13.12
CA ALA A 209 -15.26 8.54 -13.04
C ALA A 209 -16.22 7.73 -13.90
N ASP A 210 -16.73 8.30 -14.98
CA ASP A 210 -17.64 7.57 -15.86
C ASP A 210 -16.93 7.01 -17.10
N GLN A 211 -17.72 6.52 -18.05
CA GLN A 211 -17.20 5.94 -19.30
C GLN A 211 -16.13 6.79 -19.99
N GLN A 212 -16.21 8.10 -19.80
CA GLN A 212 -15.26 9.01 -20.42
C GLN A 212 -14.17 9.57 -19.52
N SER A 213 -14.02 8.98 -18.34
CA SER A 213 -13.04 9.48 -17.38
C SER A 213 -11.58 9.49 -17.87
N HIS A 214 -11.19 8.55 -18.71
CA HIS A 214 -9.82 8.58 -19.22
C HIS A 214 -9.59 9.79 -20.16
N LEU A 215 -10.58 10.08 -21.00
CA LEU A 215 -10.44 11.22 -21.93
C LEU A 215 -10.46 12.51 -21.14
N SER A 216 -11.43 12.63 -20.24
CA SER A 216 -11.52 13.80 -19.40
C SER A 216 -10.22 13.97 -18.60
N PHE A 217 -9.67 12.86 -18.08
CA PHE A 217 -8.43 12.94 -17.32
C PHE A 217 -7.32 13.51 -18.18
N ASP A 218 -7.25 13.04 -19.42
CA ASP A 218 -6.23 13.53 -20.36
C ASP A 218 -6.30 15.04 -20.59
N GLU A 219 -7.52 15.54 -20.69
CA GLU A 219 -7.75 16.95 -20.97
C GLU A 219 -7.72 17.87 -19.75
N PHE A 220 -8.18 17.40 -18.60
CA PHE A 220 -8.20 18.26 -17.41
C PHE A 220 -7.26 17.94 -16.26
N LEU A 221 -6.29 17.07 -16.46
CA LEU A 221 -5.34 16.77 -15.40
C LEU A 221 -4.68 18.09 -15.01
N ALA A 222 -4.31 18.86 -16.03
CA ALA A 222 -3.66 20.15 -15.85
C ALA A 222 -4.43 21.11 -14.96
N VAL A 223 -5.72 21.31 -15.24
CA VAL A 223 -6.51 22.23 -14.44
C VAL A 223 -6.68 21.74 -13.02
N ALA A 224 -6.86 20.43 -12.85
CA ALA A 224 -7.01 19.88 -11.51
C ALA A 224 -5.74 20.18 -10.71
N ALA A 225 -4.59 20.02 -11.36
CA ALA A 225 -3.30 20.28 -10.71
C ALA A 225 -3.21 21.75 -10.30
N LYS A 226 -3.55 22.64 -11.22
CA LYS A 226 -3.52 24.07 -10.97
C LYS A 226 -4.35 24.42 -9.76
N GLN A 227 -5.61 24.01 -9.78
CA GLN A 227 -6.52 24.30 -8.70
C GLN A 227 -6.16 23.65 -7.36
N SER A 228 -5.67 22.41 -7.36
CA SER A 228 -5.32 21.83 -6.08
C SER A 228 -4.05 22.54 -5.57
N SER A 229 -3.13 22.82 -6.49
CA SER A 229 -1.89 23.49 -6.12
C SER A 229 -2.12 24.86 -5.50
N LEU A 230 -2.98 25.67 -6.12
CA LEU A 230 -3.30 26.99 -5.59
C LEU A 230 -3.83 26.84 -4.16
N MET A 231 -4.72 25.86 -3.95
CA MET A 231 -5.27 25.59 -2.63
C MET A 231 -4.18 25.16 -1.67
N VAL A 232 -3.28 24.28 -2.11
CA VAL A 232 -2.22 23.88 -1.23
C VAL A 232 -1.41 25.09 -0.82
N GLU A 233 -1.03 25.92 -1.80
CA GLU A 233 -0.27 27.12 -1.52
C GLU A 233 -0.96 27.98 -0.45
N SER A 234 -2.25 28.23 -0.64
CA SER A 234 -3.01 29.03 0.32
C SER A 234 -3.15 28.36 1.69
N LEU A 235 -3.30 27.05 1.72
CA LEU A 235 -3.43 26.33 2.98
C LEU A 235 -2.11 26.39 3.77
N VAL A 236 -0.98 26.24 3.09
CA VAL A 236 0.30 26.28 3.78
C VAL A 236 0.41 27.63 4.48
N GLN A 237 0.19 28.71 3.73
CA GLN A 237 0.27 30.05 4.28
C GLN A 237 -0.67 30.18 5.49
N LYS A 238 -1.92 29.77 5.30
CA LYS A 238 -2.92 29.84 6.35
C LYS A 238 -2.50 29.09 7.61
N LEU A 239 -2.02 27.87 7.45
CA LEU A 239 -1.62 27.08 8.59
C LEU A 239 -0.46 27.71 9.35
N ALA A 240 0.40 28.42 8.62
CA ALA A 240 1.57 29.05 9.24
C ALA A 240 1.28 30.37 9.90
N HIS A 241 0.42 31.18 9.30
CA HIS A 241 0.16 32.50 9.86
C HIS A 241 -1.29 32.90 10.04
N GLY A 242 -2.20 31.92 10.03
CA GLY A 242 -3.60 32.22 10.21
C GLY A 242 -4.17 33.03 9.06
N MET B 11 25.86 -10.85 7.03
CA MET B 11 24.60 -11.21 6.29
C MET B 11 23.36 -11.10 7.19
N LYS B 12 22.51 -10.12 6.90
CA LYS B 12 21.30 -9.91 7.67
C LYS B 12 20.09 -10.28 6.80
N ILE B 13 19.26 -11.18 7.31
CA ILE B 13 18.09 -11.62 6.57
C ILE B 13 16.78 -11.05 7.13
N GLY B 14 16.07 -10.28 6.29
CA GLY B 14 14.81 -9.73 6.74
C GLY B 14 13.69 -10.75 6.53
N ILE B 15 12.75 -10.81 7.47
CA ILE B 15 11.61 -11.71 7.39
C ILE B 15 10.37 -10.90 7.73
N ILE B 16 9.36 -10.98 6.88
CA ILE B 16 8.12 -10.25 7.10
C ILE B 16 6.90 -11.18 7.17
N GLY B 17 6.14 -11.03 8.24
CA GLY B 17 4.93 -11.81 8.42
C GLY B 17 3.80 -10.83 8.73
N ALA B 18 2.61 -11.12 8.24
CA ALA B 18 1.50 -10.22 8.44
C ALA B 18 0.82 -10.35 9.81
N MET B 19 0.50 -11.58 10.18
CA MET B 19 -0.20 -11.86 11.42
C MET B 19 0.71 -12.29 12.56
N GLU B 20 0.30 -11.99 13.80
CA GLU B 20 1.14 -12.38 14.93
C GLU B 20 1.36 -13.88 14.86
N GLU B 21 0.26 -14.59 14.63
CA GLU B 21 0.30 -16.03 14.54
C GLU B 21 1.32 -16.54 13.54
N GLU B 22 1.63 -15.72 12.53
CA GLU B 22 2.59 -16.15 11.52
C GLU B 22 4.04 -15.83 11.88
N VAL B 23 4.25 -15.00 12.89
CA VAL B 23 5.62 -14.66 13.25
C VAL B 23 6.00 -15.07 14.64
N THR B 24 5.01 -15.48 15.42
CA THR B 24 5.26 -15.83 16.81
C THR B 24 6.29 -16.94 17.03
N LEU B 25 6.17 -18.05 16.30
CA LEU B 25 7.13 -19.15 16.50
C LEU B 25 8.56 -18.69 16.18
N LEU B 26 8.73 -17.91 15.12
CA LEU B 26 10.04 -17.41 14.76
C LEU B 26 10.52 -16.41 15.80
N ARG B 27 9.63 -15.52 16.23
CA ARG B 27 9.99 -14.53 17.24
C ARG B 27 10.55 -15.27 18.46
N ASP B 28 9.87 -16.35 18.86
CA ASP B 28 10.30 -17.14 20.01
C ASP B 28 11.71 -17.68 19.88
N LYS B 29 12.16 -17.90 18.66
CA LYS B 29 13.49 -18.45 18.48
C LYS B 29 14.61 -17.44 18.35
N ILE B 30 14.25 -16.18 18.17
CA ILE B 30 15.28 -15.15 18.01
C ILE B 30 16.03 -14.87 19.31
N GLU B 31 17.34 -15.08 19.30
CA GLU B 31 18.17 -14.85 20.48
C GLU B 31 18.89 -13.52 20.41
N ASN B 32 19.24 -12.95 21.57
CA ASN B 32 19.87 -11.62 21.61
C ASN B 32 18.82 -10.70 21.00
N ARG B 33 17.58 -11.06 21.29
CA ARG B 33 16.40 -10.39 20.79
C ARG B 33 16.09 -9.03 21.39
N GLN B 34 15.87 -8.06 20.49
CA GLN B 34 15.50 -6.70 20.86
C GLN B 34 14.24 -6.38 20.06
N THR B 35 13.31 -5.66 20.66
CA THR B 35 12.08 -5.31 19.97
C THR B 35 11.97 -3.82 19.79
N ILE B 36 11.50 -3.41 18.60
CA ILE B 36 11.29 -2.00 18.29
C ILE B 36 9.82 -1.85 17.88
N SER B 37 9.14 -0.86 18.44
CA SER B 37 7.75 -0.58 18.11
C SER B 37 7.80 0.71 17.30
N LEU B 38 7.39 0.65 16.04
CA LEU B 38 7.47 1.84 15.19
C LEU B 38 6.37 1.85 14.12
N GLY B 39 5.84 3.03 13.84
CA GLY B 39 4.80 3.16 12.84
C GLY B 39 3.76 2.07 12.96
N GLY B 40 3.44 1.73 14.22
CA GLY B 40 2.45 0.71 14.49
C GLY B 40 2.86 -0.72 14.19
N CYS B 41 4.14 -0.91 13.87
CA CYS B 41 4.66 -2.24 13.55
C CYS B 41 5.64 -2.68 14.60
N GLU B 42 5.95 -3.97 14.60
CA GLU B 42 6.93 -4.49 15.53
C GLU B 42 8.05 -5.22 14.77
N ILE B 43 9.29 -4.88 15.12
CA ILE B 43 10.46 -5.48 14.53
C ILE B 43 11.29 -6.16 15.62
N TYR B 44 11.67 -7.41 15.37
CA TYR B 44 12.47 -8.16 16.33
C TYR B 44 13.81 -8.46 15.67
N THR B 45 14.90 -8.00 16.28
CA THR B 45 16.24 -8.24 15.73
C THR B 45 16.99 -9.21 16.63
N GLY B 46 17.99 -9.86 16.06
CA GLY B 46 18.78 -10.82 16.81
C GLY B 46 19.21 -11.93 15.87
N GLN B 47 19.53 -13.09 16.41
CA GLN B 47 19.96 -14.20 15.59
C GLN B 47 19.01 -15.37 15.67
N LEU B 48 18.81 -16.01 14.53
CA LEU B 48 17.99 -17.18 14.44
C LEU B 48 18.96 -18.32 14.12
N ASN B 49 19.22 -19.17 15.10
CA ASN B 49 20.14 -20.28 14.93
C ASN B 49 21.48 -19.77 14.46
N GLY B 50 21.93 -18.68 15.06
CA GLY B 50 23.21 -18.08 14.69
C GLY B 50 23.23 -17.03 13.58
N THR B 51 22.13 -16.92 12.82
CA THR B 51 22.08 -15.96 11.71
C THR B 51 21.34 -14.66 12.07
N GLU B 52 21.96 -13.54 11.74
CA GLU B 52 21.36 -12.25 12.03
C GLU B 52 20.11 -12.09 11.19
N VAL B 53 18.99 -11.77 11.85
CA VAL B 53 17.72 -11.55 11.16
C VAL B 53 17.03 -10.30 11.67
N ALA B 54 15.99 -9.91 10.96
CA ALA B 54 15.18 -8.76 11.34
C ALA B 54 13.77 -9.22 10.97
N LEU B 55 12.99 -9.59 11.98
CA LEU B 55 11.64 -10.08 11.78
C LEU B 55 10.59 -8.99 12.00
N LEU B 56 9.74 -8.78 10.99
CA LEU B 56 8.70 -7.77 11.10
C LEU B 56 7.29 -8.35 10.99
N LYS B 57 6.44 -7.94 11.94
CA LYS B 57 5.02 -8.30 11.97
C LYS B 57 4.42 -7.03 11.34
N SER B 58 3.90 -7.11 10.13
CA SER B 58 3.38 -5.92 9.44
C SER B 58 1.93 -5.54 9.64
N GLY B 59 1.09 -6.56 9.72
CA GLY B 59 -0.33 -6.30 9.79
C GLY B 59 -0.81 -6.75 8.41
N ILE B 60 -2.11 -6.85 8.23
CA ILE B 60 -2.72 -7.33 7.01
C ILE B 60 -2.98 -6.30 5.91
N GLY B 61 -2.92 -6.75 4.66
CA GLY B 61 -3.21 -5.86 3.54
C GLY B 61 -1.98 -5.23 2.92
N LYS B 62 -2.17 -4.64 1.73
CA LYS B 62 -1.06 -4.04 1.01
C LYS B 62 -0.39 -2.82 1.63
N VAL B 63 -1.18 -1.88 2.14
CA VAL B 63 -0.57 -0.68 2.70
C VAL B 63 0.17 -0.99 3.98
N ALA B 64 -0.39 -1.85 4.84
CA ALA B 64 0.28 -2.21 6.08
C ALA B 64 1.62 -2.89 5.75
N ALA B 65 1.59 -3.84 4.83
CA ALA B 65 2.81 -4.52 4.47
C ALA B 65 3.82 -3.55 3.83
N ALA B 66 3.36 -2.62 2.99
CA ALA B 66 4.28 -1.66 2.35
C ALA B 66 4.94 -0.77 3.41
N LEU B 67 4.14 -0.25 4.33
CA LEU B 67 4.64 0.59 5.41
C LEU B 67 5.72 -0.19 6.16
N GLY B 68 5.35 -1.41 6.58
CA GLY B 68 6.26 -2.28 7.31
C GLY B 68 7.53 -2.60 6.57
N ALA B 69 7.43 -2.99 5.29
CA ALA B 69 8.64 -3.30 4.53
C ALA B 69 9.53 -2.07 4.42
N THR B 70 8.91 -0.90 4.24
CA THR B 70 9.69 0.33 4.10
C THR B 70 10.50 0.60 5.36
N LEU B 71 9.87 0.47 6.52
CA LEU B 71 10.60 0.68 7.77
C LEU B 71 11.72 -0.32 7.90
N LEU B 72 11.41 -1.59 7.66
CA LEU B 72 12.40 -2.65 7.79
C LEU B 72 13.62 -2.35 6.95
N LEU B 73 13.41 -1.98 5.70
CA LEU B 73 14.53 -1.68 4.83
C LEU B 73 15.33 -0.47 5.26
N GLU B 74 14.68 0.68 5.43
CA GLU B 74 15.41 1.88 5.84
C GLU B 74 16.00 1.80 7.24
N HIS B 75 15.34 1.09 8.15
CA HIS B 75 15.80 1.01 9.53
C HIS B 75 16.78 -0.11 9.88
N CYS B 76 16.68 -1.26 9.24
CA CYS B 76 17.59 -2.36 9.56
C CYS B 76 18.51 -2.75 8.42
N LYS B 77 18.15 -2.34 7.19
CA LYS B 77 18.98 -2.64 6.01
C LYS B 77 19.28 -4.11 5.72
N PRO B 78 18.26 -4.98 5.73
CA PRO B 78 18.56 -6.39 5.44
C PRO B 78 19.11 -6.57 4.03
N ASP B 79 19.75 -7.71 3.77
CA ASP B 79 20.33 -8.01 2.46
C ASP B 79 19.27 -8.62 1.55
N VAL B 80 18.39 -9.42 2.14
CA VAL B 80 17.34 -10.07 1.39
C VAL B 80 16.05 -10.07 2.21
N ILE B 81 14.92 -10.20 1.53
CA ILE B 81 13.66 -10.22 2.23
C ILE B 81 12.93 -11.54 1.95
N ILE B 82 12.41 -12.15 3.00
CA ILE B 82 11.65 -13.38 2.87
C ILE B 82 10.27 -13.07 3.47
N ASN B 83 9.20 -13.26 2.68
CA ASN B 83 7.83 -13.05 3.16
C ASN B 83 7.27 -14.44 3.53
N THR B 84 6.83 -14.59 4.77
CA THR B 84 6.32 -15.86 5.27
C THR B 84 4.85 -15.73 5.60
N GLY B 85 4.18 -16.85 5.87
CA GLY B 85 2.78 -16.76 6.22
C GLY B 85 1.88 -17.72 5.49
N SER B 86 0.57 -17.44 5.56
CA SER B 86 -0.44 -18.28 4.92
C SER B 86 -0.90 -17.74 3.57
N ALA B 87 -1.64 -18.59 2.84
CA ALA B 87 -2.13 -18.21 1.51
C ALA B 87 -3.26 -19.12 1.04
N GLY B 88 -4.08 -18.61 0.14
CA GLY B 88 -5.16 -19.41 -0.45
C GLY B 88 -4.58 -20.08 -1.70
N GLY B 89 -4.63 -21.42 -1.74
CA GLY B 89 -4.09 -22.14 -2.88
C GLY B 89 -4.95 -22.13 -4.13
N LEU B 90 -4.33 -21.88 -5.28
CA LEU B 90 -5.06 -21.86 -6.54
C LEU B 90 -4.67 -23.01 -7.47
N ALA B 91 -3.39 -23.40 -7.45
CA ALA B 91 -2.92 -24.50 -8.29
C ALA B 91 -3.61 -25.80 -7.84
N PRO B 92 -4.16 -26.56 -8.79
CA PRO B 92 -4.86 -27.84 -8.53
C PRO B 92 -4.17 -28.91 -7.69
N THR B 93 -2.85 -28.86 -7.62
CA THR B 93 -2.09 -29.85 -6.87
C THR B 93 -1.95 -29.51 -5.38
N LEU B 94 -2.29 -28.28 -5.02
CA LEU B 94 -2.15 -27.80 -3.65
C LEU B 94 -3.13 -28.26 -2.59
N LYS B 95 -2.58 -28.56 -1.42
CA LYS B 95 -3.39 -28.97 -0.30
C LYS B 95 -2.99 -28.16 0.92
N VAL B 96 -3.91 -28.05 1.89
CA VAL B 96 -3.65 -27.32 3.11
C VAL B 96 -2.30 -27.78 3.65
N GLY B 97 -1.49 -26.84 4.13
CA GLY B 97 -0.18 -27.21 4.62
C GLY B 97 0.92 -27.20 3.56
N ASP B 98 0.59 -27.33 2.28
CA ASP B 98 1.63 -27.31 1.25
C ASP B 98 2.26 -25.92 1.09
N ILE B 99 3.46 -25.93 0.51
CA ILE B 99 4.24 -24.72 0.31
C ILE B 99 4.11 -24.09 -1.08
N VAL B 100 4.03 -22.77 -1.14
CA VAL B 100 4.04 -22.08 -2.42
C VAL B 100 5.24 -21.13 -2.40
N VAL B 101 6.02 -21.18 -3.47
CA VAL B 101 7.19 -20.35 -3.60
C VAL B 101 6.99 -19.43 -4.80
N SER B 102 7.20 -18.14 -4.60
CA SER B 102 7.01 -17.19 -5.67
C SER B 102 8.19 -17.09 -6.65
N ASP B 103 7.91 -17.10 -7.93
CA ASP B 103 9.01 -16.81 -8.83
C ASP B 103 8.62 -15.39 -9.26
N GLU B 104 7.39 -14.99 -8.91
CA GLU B 104 6.85 -13.68 -9.29
C GLU B 104 5.60 -13.26 -8.50
N ALA B 105 5.41 -11.96 -8.33
CA ALA B 105 4.23 -11.47 -7.64
C ALA B 105 3.56 -10.36 -8.46
N ARG B 106 2.23 -10.36 -8.50
CA ARG B 106 1.51 -9.32 -9.25
C ARG B 106 0.23 -8.96 -8.49
N TYR B 107 -0.22 -7.72 -8.63
CA TYR B 107 -1.46 -7.28 -7.99
C TYR B 107 -2.63 -7.81 -8.83
N HIS B 108 -3.53 -8.59 -8.23
CA HIS B 108 -4.67 -9.07 -9.00
C HIS B 108 -5.76 -8.00 -8.95
N ASP B 109 -5.59 -6.98 -8.11
CA ASP B 109 -6.65 -5.96 -8.02
C ASP B 109 -6.27 -4.54 -8.50
N ALA B 110 -5.15 -4.43 -9.17
CA ALA B 110 -4.71 -3.14 -9.68
C ALA B 110 -5.17 -3.08 -11.13
N ASP B 111 -5.78 -1.96 -11.51
CA ASP B 111 -6.29 -1.82 -12.86
C ASP B 111 -6.24 -0.42 -13.45
N VAL B 112 -5.26 -0.20 -14.32
CA VAL B 112 -5.11 1.10 -14.97
C VAL B 112 -5.03 0.81 -16.49
N THR B 113 -5.79 -0.18 -16.94
CA THR B 113 -5.80 -0.55 -18.34
C THR B 113 -6.44 0.53 -19.18
N ALA B 114 -7.24 1.37 -18.53
CA ALA B 114 -7.87 2.48 -19.23
C ALA B 114 -6.78 3.32 -19.91
N PHE B 115 -5.56 3.28 -19.38
CA PHE B 115 -4.44 4.03 -19.98
C PHE B 115 -3.39 3.12 -20.64
N GLY B 116 -3.76 1.87 -20.92
CA GLY B 116 -2.81 1.01 -21.60
C GLY B 116 -1.76 0.24 -20.80
N TYR B 117 -1.88 0.21 -19.48
CA TYR B 117 -0.94 -0.54 -18.67
C TYR B 117 -1.52 -1.95 -18.64
N GLU B 118 -0.67 -2.93 -18.39
CA GLU B 118 -1.10 -4.32 -18.35
C GLU B 118 -1.97 -4.50 -17.09
N TYR B 119 -2.97 -5.39 -17.15
CA TYR B 119 -3.81 -5.57 -15.96
C TYR B 119 -2.89 -5.98 -14.81
N GLY B 120 -3.17 -5.46 -13.62
CA GLY B 120 -2.36 -5.79 -12.47
C GLY B 120 -1.19 -4.85 -12.29
N GLN B 121 -0.79 -4.17 -13.36
CA GLN B 121 0.34 -3.23 -13.33
C GLN B 121 0.03 -1.78 -12.90
N LEU B 122 0.83 -1.23 -12.00
CA LEU B 122 0.67 0.17 -11.61
C LEU B 122 1.74 0.99 -12.36
N PRO B 123 1.39 2.19 -12.84
CA PRO B 123 2.35 3.02 -13.56
C PRO B 123 3.64 3.21 -12.77
N GLY B 124 4.77 3.12 -13.46
CA GLY B 124 6.06 3.28 -12.79
C GLY B 124 6.62 1.98 -12.24
N CYS B 125 5.88 0.89 -12.41
CA CYS B 125 6.31 -0.43 -11.93
C CYS B 125 6.23 -1.42 -13.08
N PRO B 126 6.98 -2.52 -12.99
CA PRO B 126 6.91 -3.53 -14.05
C PRO B 126 5.56 -4.23 -13.79
N ALA B 127 5.01 -4.90 -14.80
CA ALA B 127 3.72 -5.56 -14.66
C ALA B 127 3.78 -6.57 -13.51
N GLY B 128 4.95 -7.16 -13.32
CA GLY B 128 5.14 -8.12 -12.25
C GLY B 128 6.52 -8.02 -11.64
N PHE B 129 6.65 -8.34 -10.35
CA PHE B 129 7.93 -8.29 -9.66
C PHE B 129 8.51 -9.70 -9.52
N LYS B 130 9.70 -9.90 -10.09
CA LYS B 130 10.33 -11.21 -10.04
C LYS B 130 11.12 -11.50 -8.78
N ALA B 131 10.88 -12.67 -8.21
CA ALA B 131 11.59 -13.06 -7.00
C ALA B 131 13.03 -13.38 -7.41
N ASP B 132 13.91 -13.38 -6.43
CA ASP B 132 15.32 -13.63 -6.68
C ASP B 132 15.65 -15.08 -6.96
N ASP B 133 16.36 -15.32 -8.06
CA ASP B 133 16.75 -16.67 -8.45
C ASP B 133 17.47 -17.48 -7.37
N LYS B 134 18.50 -16.92 -6.72
CA LYS B 134 19.18 -17.71 -5.70
C LYS B 134 18.26 -18.01 -4.51
N LEU B 135 17.47 -17.01 -4.08
CA LEU B 135 16.52 -17.26 -2.97
C LEU B 135 15.58 -18.42 -3.35
N ILE B 136 15.14 -18.45 -4.61
CA ILE B 136 14.23 -19.49 -5.09
C ILE B 136 14.90 -20.89 -5.10
N ALA B 137 16.16 -20.94 -5.51
CA ALA B 137 16.87 -22.20 -5.58
C ALA B 137 17.09 -22.75 -4.16
N ALA B 138 17.45 -21.86 -3.23
CA ALA B 138 17.67 -22.24 -1.85
C ALA B 138 16.37 -22.78 -1.26
N ALA B 139 15.30 -22.02 -1.43
CA ALA B 139 14.00 -22.42 -0.92
C ALA B 139 13.66 -23.82 -1.44
N GLU B 140 13.90 -24.06 -2.73
CA GLU B 140 13.60 -25.36 -3.29
C GLU B 140 14.48 -26.51 -2.81
N ALA B 141 15.72 -26.22 -2.41
CA ALA B 141 16.60 -27.27 -1.93
C ALA B 141 16.10 -27.64 -0.53
N CYS B 142 15.54 -26.66 0.18
CA CYS B 142 14.98 -26.89 1.51
C CYS B 142 13.74 -27.77 1.35
N ILE B 143 12.90 -27.42 0.39
CA ILE B 143 11.69 -28.19 0.11
C ILE B 143 12.04 -29.65 -0.17
N ALA B 144 13.08 -29.86 -0.98
CA ALA B 144 13.50 -31.23 -1.31
C ALA B 144 14.05 -31.96 -0.08
N GLU B 145 14.90 -31.29 0.71
CA GLU B 145 15.47 -31.94 1.88
C GLU B 145 14.44 -32.24 2.98
N LEU B 146 13.32 -31.54 2.97
CA LEU B 146 12.30 -31.76 3.99
C LEU B 146 11.13 -32.59 3.48
N ASN B 147 11.23 -33.02 2.23
CA ASN B 147 10.19 -33.83 1.60
C ASN B 147 8.83 -33.15 1.62
N LEU B 148 8.82 -31.86 1.31
CA LEU B 148 7.58 -31.10 1.29
C LEU B 148 6.93 -31.06 -0.07
N ASN B 149 5.61 -30.96 -0.11
CA ASN B 149 4.91 -30.84 -1.39
C ASN B 149 4.79 -29.33 -1.66
N ALA B 150 5.31 -28.89 -2.80
CA ALA B 150 5.27 -27.47 -3.14
C ALA B 150 5.14 -27.14 -4.63
N VAL B 151 4.72 -25.89 -4.90
CA VAL B 151 4.56 -25.41 -6.24
C VAL B 151 5.26 -24.04 -6.32
N ARG B 152 5.95 -23.79 -7.43
CA ARG B 152 6.66 -22.54 -7.66
C ARG B 152 5.91 -21.77 -8.74
N GLY B 153 5.79 -20.46 -8.61
CA GLY B 153 5.07 -19.70 -9.61
C GLY B 153 4.50 -18.35 -9.20
N LEU B 154 3.58 -17.85 -10.01
CA LEU B 154 2.95 -16.57 -9.79
C LEU B 154 2.02 -16.52 -8.57
N ILE B 155 2.32 -15.61 -7.66
CA ILE B 155 1.49 -15.39 -6.49
C ILE B 155 0.89 -14.00 -6.66
N VAL B 156 -0.44 -13.89 -6.55
CA VAL B 156 -1.11 -12.61 -6.70
C VAL B 156 -1.65 -12.06 -5.37
N SER B 157 -1.53 -10.75 -5.19
CA SER B 157 -1.99 -10.13 -3.96
C SER B 157 -3.08 -9.11 -4.23
N GLY B 158 -3.96 -8.94 -3.22
CA GLY B 158 -5.05 -7.98 -3.29
C GLY B 158 -5.48 -7.64 -1.87
N ASP B 159 -6.32 -6.62 -1.70
CA ASP B 159 -6.80 -6.25 -0.38
C ASP B 159 -8.13 -6.92 -0.07
N ALA B 160 -8.36 -8.10 -0.64
CA ALA B 160 -9.60 -8.84 -0.37
C ALA B 160 -9.38 -10.34 -0.09
N PHE B 161 -10.08 -10.85 0.90
CA PHE B 161 -9.99 -12.27 1.23
C PHE B 161 -10.81 -12.99 0.14
N ILE B 162 -10.19 -13.95 -0.56
CA ILE B 162 -10.89 -14.66 -1.63
C ILE B 162 -11.69 -15.82 -1.07
N ASN B 163 -12.99 -15.79 -1.38
CA ASN B 163 -13.95 -16.74 -0.82
C ASN B 163 -14.88 -17.20 -1.95
N GLY B 164 -14.26 -17.68 -3.04
CA GLY B 164 -14.99 -18.14 -4.20
C GLY B 164 -15.84 -17.07 -4.86
N SER B 165 -16.92 -17.50 -5.52
CA SER B 165 -17.86 -16.58 -6.15
C SER B 165 -17.18 -15.65 -7.17
N VAL B 166 -17.64 -14.41 -7.25
CA VAL B 166 -17.10 -13.44 -8.21
C VAL B 166 -15.62 -13.10 -7.96
N GLY B 167 -15.25 -12.98 -6.69
CA GLY B 167 -13.88 -12.67 -6.36
C GLY B 167 -12.89 -13.68 -6.95
N LEU B 168 -13.20 -14.98 -6.84
CA LEU B 168 -12.32 -16.01 -7.36
C LEU B 168 -12.35 -16.06 -8.87
N ALA B 169 -13.53 -15.82 -9.44
CA ALA B 169 -13.67 -15.83 -10.89
C ALA B 169 -12.82 -14.76 -11.58
N LYS B 170 -12.77 -13.57 -11.00
CA LYS B 170 -12.00 -12.50 -11.63
C LYS B 170 -10.49 -12.84 -11.63
N ILE B 171 -10.02 -13.44 -10.54
CA ILE B 171 -8.61 -13.82 -10.41
C ILE B 171 -8.28 -14.93 -11.40
N ARG B 172 -9.17 -15.88 -11.59
CA ARG B 172 -8.88 -16.94 -12.54
C ARG B 172 -8.86 -16.41 -13.98
N HIS B 173 -9.73 -15.47 -14.28
CA HIS B 173 -9.80 -14.88 -15.60
C HIS B 173 -8.53 -14.11 -15.92
N ASN B 174 -8.14 -13.20 -15.03
CA ASN B 174 -6.96 -12.42 -15.25
C ASN B 174 -5.63 -13.15 -15.01
N PHE B 175 -5.64 -14.13 -14.12
CA PHE B 175 -4.39 -14.84 -13.84
C PHE B 175 -4.59 -16.35 -13.70
N PRO B 176 -5.01 -17.01 -14.78
CA PRO B 176 -5.23 -18.47 -14.75
C PRO B 176 -4.02 -19.28 -14.27
N GLN B 177 -2.81 -18.72 -14.35
CA GLN B 177 -1.63 -19.47 -13.93
C GLN B 177 -1.24 -19.16 -12.49
N ALA B 178 -1.99 -18.31 -11.81
CA ALA B 178 -1.64 -17.95 -10.43
C ALA B 178 -1.71 -19.23 -9.60
N ILE B 179 -0.68 -19.52 -8.83
CA ILE B 179 -0.68 -20.72 -8.02
C ILE B 179 -1.24 -20.42 -6.63
N ALA B 180 -1.39 -19.13 -6.31
CA ALA B 180 -1.91 -18.78 -5.00
C ALA B 180 -2.25 -17.29 -4.84
N VAL B 181 -3.10 -17.00 -3.87
CA VAL B 181 -3.49 -15.63 -3.65
C VAL B 181 -3.45 -15.28 -2.17
N GLU B 182 -3.06 -14.06 -1.88
CA GLU B 182 -3.01 -13.59 -0.52
C GLU B 182 -3.06 -12.06 -0.49
N MET B 183 -2.56 -11.42 0.56
CA MET B 183 -2.74 -9.97 0.66
C MET B 183 -1.57 -9.03 0.97
N GLU B 184 -0.35 -9.56 0.97
CA GLU B 184 0.80 -8.69 1.26
C GLU B 184 1.97 -8.84 0.30
N ALA B 185 2.12 -10.05 -0.24
CA ALA B 185 3.24 -10.39 -1.11
C ALA B 185 3.72 -9.36 -2.12
N THR B 186 2.83 -8.95 -3.03
CA THR B 186 3.22 -8.00 -4.07
C THR B 186 3.65 -6.62 -3.52
N ALA B 187 3.03 -6.19 -2.42
CA ALA B 187 3.37 -4.90 -1.79
C ALA B 187 4.80 -4.99 -1.31
N ILE B 188 5.12 -6.10 -0.65
CA ILE B 188 6.48 -6.28 -0.19
C ILE B 188 7.44 -6.31 -1.40
N ALA B 189 7.09 -7.08 -2.43
CA ALA B 189 7.91 -7.18 -3.66
C ALA B 189 8.11 -5.79 -4.27
N HIS B 190 7.05 -5.01 -4.31
CA HIS B 190 7.06 -3.67 -4.88
C HIS B 190 8.07 -2.78 -4.14
N VAL B 191 8.01 -2.80 -2.81
CA VAL B 191 8.92 -2.01 -2.00
C VAL B 191 10.35 -2.52 -2.19
N CYS B 192 10.53 -3.84 -2.18
CA CYS B 192 11.87 -4.41 -2.36
C CYS B 192 12.40 -3.97 -3.71
N HIS B 193 11.52 -3.97 -4.71
CA HIS B 193 11.92 -3.56 -6.05
C HIS B 193 12.46 -2.13 -6.04
N ASN B 194 11.75 -1.21 -5.40
CA ASN B 194 12.16 0.19 -5.34
C ASN B 194 13.47 0.43 -4.60
N PHE B 195 13.84 -0.49 -3.71
CA PHE B 195 15.08 -0.36 -2.95
C PHE B 195 16.15 -1.31 -3.50
N ASN B 196 15.83 -1.99 -4.59
CA ASN B 196 16.76 -2.92 -5.22
C ASN B 196 17.17 -4.06 -4.29
N VAL B 197 16.22 -4.54 -3.49
CA VAL B 197 16.52 -5.63 -2.57
C VAL B 197 15.89 -6.93 -3.02
N PRO B 198 16.67 -8.02 -3.07
CA PRO B 198 16.05 -9.28 -3.49
C PRO B 198 15.05 -9.83 -2.47
N PHE B 199 14.02 -10.51 -2.99
CA PHE B 199 13.00 -11.07 -2.13
C PHE B 199 12.50 -12.41 -2.66
N VAL B 200 11.77 -13.10 -1.81
CA VAL B 200 11.14 -14.34 -2.21
C VAL B 200 9.99 -14.56 -1.26
N VAL B 201 8.90 -15.10 -1.78
CA VAL B 201 7.74 -15.37 -0.95
C VAL B 201 7.75 -16.87 -0.69
N VAL B 202 7.53 -17.25 0.56
CA VAL B 202 7.44 -18.64 0.94
C VAL B 202 6.29 -18.78 1.92
N ARG B 203 5.13 -19.15 1.40
CA ARG B 203 3.95 -19.30 2.21
C ARG B 203 3.41 -20.70 2.20
N ALA B 204 2.53 -20.98 3.16
CA ALA B 204 1.91 -22.30 3.29
C ALA B 204 0.42 -22.10 3.13
N ILE B 205 -0.24 -23.09 2.53
CA ILE B 205 -1.66 -23.02 2.26
C ILE B 205 -2.58 -23.28 3.44
N SER B 206 -3.49 -22.34 3.67
CA SER B 206 -4.43 -22.46 4.78
C SER B 206 -5.85 -22.72 4.28
N ASP B 207 -6.05 -22.56 2.97
CA ASP B 207 -7.36 -22.72 2.36
C ASP B 207 -7.17 -22.70 0.84
N VAL B 208 -8.22 -23.00 0.08
CA VAL B 208 -8.11 -22.97 -1.38
C VAL B 208 -8.97 -21.87 -1.99
N ALA B 209 -9.10 -20.77 -1.25
CA ALA B 209 -9.83 -19.58 -1.73
C ALA B 209 -11.23 -19.81 -2.29
N ASP B 210 -11.86 -20.94 -1.95
CA ASP B 210 -13.21 -21.19 -2.45
C ASP B 210 -14.27 -20.72 -1.45
N GLN B 211 -15.50 -21.21 -1.59
CA GLN B 211 -16.58 -20.78 -0.72
C GLN B 211 -16.45 -21.18 0.74
N GLN B 212 -15.55 -22.11 1.04
CA GLN B 212 -15.34 -22.54 2.41
C GLN B 212 -13.99 -22.07 2.96
N SER B 213 -13.37 -21.13 2.25
CA SER B 213 -12.05 -20.65 2.66
C SER B 213 -12.02 -19.96 4.01
N HIS B 214 -13.12 -19.32 4.42
CA HIS B 214 -13.08 -18.67 5.72
C HIS B 214 -12.99 -19.74 6.84
N LEU B 215 -13.77 -20.79 6.70
CA LEU B 215 -13.75 -21.90 7.66
C LEU B 215 -12.39 -22.57 7.61
N SER B 216 -11.91 -22.88 6.41
CA SER B 216 -10.60 -23.50 6.28
C SER B 216 -9.52 -22.58 6.93
N PHE B 217 -9.61 -21.28 6.67
CA PHE B 217 -8.63 -20.36 7.26
C PHE B 217 -8.68 -20.44 8.78
N ASP B 218 -9.89 -20.46 9.35
CA ASP B 218 -10.04 -20.52 10.80
C ASP B 218 -9.38 -21.80 11.31
N GLU B 219 -9.65 -22.91 10.64
CA GLU B 219 -9.12 -24.19 11.04
C GLU B 219 -7.67 -24.45 10.71
N PHE B 220 -7.15 -23.86 9.63
CA PHE B 220 -5.76 -24.18 9.26
C PHE B 220 -4.71 -23.09 9.28
N LEU B 221 -5.05 -21.92 9.82
CA LEU B 221 -4.07 -20.85 9.91
C LEU B 221 -2.84 -21.30 10.71
N ALA B 222 -3.07 -21.93 11.86
CA ALA B 222 -1.97 -22.37 12.73
C ALA B 222 -1.07 -23.35 12.00
N VAL B 223 -1.67 -24.33 11.32
CA VAL B 223 -0.88 -25.29 10.57
C VAL B 223 -0.12 -24.56 9.47
N ALA B 224 -0.77 -23.63 8.77
CA ALA B 224 -0.05 -22.91 7.71
C ALA B 224 1.10 -22.10 8.29
N ALA B 225 0.84 -21.36 9.36
CA ALA B 225 1.87 -20.55 10.00
C ALA B 225 3.10 -21.38 10.43
N LYS B 226 2.86 -22.56 10.99
CA LYS B 226 3.94 -23.44 11.43
C LYS B 226 4.77 -23.97 10.25
N GLN B 227 4.11 -24.49 9.22
CA GLN B 227 4.84 -25.00 8.04
C GLN B 227 5.70 -23.95 7.38
N SER B 228 5.12 -22.78 7.08
CA SER B 228 5.90 -21.74 6.43
C SER B 228 7.02 -21.30 7.36
N SER B 229 6.71 -21.21 8.65
CA SER B 229 7.67 -20.81 9.66
C SER B 229 8.85 -21.79 9.69
N LEU B 230 8.58 -23.09 9.65
CA LEU B 230 9.68 -24.06 9.66
C LEU B 230 10.51 -23.87 8.37
N MET B 231 9.83 -23.73 7.24
CA MET B 231 10.49 -23.51 5.95
C MET B 231 11.39 -22.26 5.98
N VAL B 232 10.92 -21.19 6.61
CA VAL B 232 11.73 -19.98 6.68
C VAL B 232 12.97 -20.25 7.52
N GLU B 233 12.80 -21.03 8.58
CA GLU B 233 13.90 -21.36 9.46
C GLU B 233 15.00 -22.10 8.67
N SER B 234 14.58 -23.12 7.92
CA SER B 234 15.53 -23.87 7.11
C SER B 234 16.16 -22.99 6.03
N LEU B 235 15.37 -22.11 5.42
CA LEU B 235 15.90 -21.25 4.37
C LEU B 235 16.96 -20.30 4.93
N VAL B 236 16.72 -19.78 6.13
CA VAL B 236 17.71 -18.88 6.73
C VAL B 236 19.04 -19.60 6.90
N GLN B 237 18.98 -20.81 7.46
CA GLN B 237 20.16 -21.63 7.70
C GLN B 237 20.89 -21.97 6.39
N LYS B 238 20.15 -22.32 5.34
CA LYS B 238 20.77 -22.66 4.07
C LYS B 238 21.44 -21.47 3.39
N LEU B 239 20.85 -20.29 3.51
CA LEU B 239 21.46 -19.12 2.92
C LEU B 239 22.72 -18.73 3.70
N ALA B 240 22.71 -19.00 5.00
CA ALA B 240 23.82 -18.64 5.86
C ALA B 240 25.02 -19.58 5.81
N HIS B 241 24.78 -20.87 5.59
CA HIS B 241 25.89 -21.81 5.56
C HIS B 241 25.83 -22.80 4.40
N GLY B 242 25.45 -22.31 3.22
CA GLY B 242 25.36 -23.17 2.06
C GLY B 242 24.59 -24.44 2.35
CS MTM C . -3.38 7.79 -14.02
S5' MTM C . -4.32 6.95 -12.70
C5' MTM C . -5.18 8.37 -12.01
C4' MTM C . -4.38 9.15 -10.96
N4' MTM C . -5.16 10.36 -10.65
C2' MTM C . -5.51 8.86 -8.87
O2' MTM C . -5.24 9.13 -7.46
C3' MTM C . -4.18 8.45 -9.63
O3' MTM C . -2.98 8.99 -8.95
C1' MTM C . -6.12 10.14 -9.57
C9 MTM C . -7.49 9.96 -10.21
C8 MTM C . -8.24 10.96 -10.82
N7 MTM C . -9.42 10.55 -11.31
C5 MTM C . -9.47 9.23 -11.02
C6 MTM C . -10.44 8.19 -11.26
N6 MTM C . -11.59 8.41 -11.90
N1 MTM C . -10.12 6.92 -10.78
C2 MTM C . -8.97 6.68 -10.14
N3 MTM C . -7.98 7.57 -9.87
C4 MTM C . -8.31 8.82 -10.33
CS MTM D . -7.45 -12.63 7.59
S5' MTM D . -7.19 -12.05 5.87
C5' MTM D . -6.15 -13.42 5.23
C4' MTM D . -4.64 -13.30 5.56
N4' MTM D . -3.96 -14.56 5.15
C2' MTM D . -3.54 -12.96 3.45
O2' MTM D . -2.25 -12.51 2.97
C3' MTM D . -3.93 -12.19 4.81
O3' MTM D . -2.74 -11.75 5.54
C1' MTM D . -3.55 -14.52 3.74
C9 MTM D . -4.59 -15.34 2.99
C8 MTM D . -4.80 -16.72 3.15
N7 MTM D . -5.78 -17.23 2.42
C5 MTM D . -6.27 -16.14 1.72
C6 MTM D . -7.33 -15.97 0.78
N6 MTM D . -8.11 -17.00 0.38
N1 MTM D . -7.54 -14.70 0.29
C2 MTM D . -6.77 -13.66 0.69
N3 MTM D . -5.74 -13.70 1.57
C4 MTM D . -5.54 -14.97 2.06
#